data_2NZ0
#
_entry.id   2NZ0
#
_cell.length_a   112.186
_cell.length_b   112.213
_cell.length_c   141.051
_cell.angle_alpha   90.00
_cell.angle_beta   90.00
_cell.angle_gamma   90.00
#
_symmetry.space_group_name_H-M   'I 2 2 2'
#
loop_
_entity.id
_entity.type
_entity.pdbx_description
1 polymer 'Kv channel-interacting protein 1'
2 polymer 'Potassium voltage-gated channel subfamily D member 3'
3 non-polymer 'CALCIUM ION'
4 non-polymer 'ZINC ION'
#
loop_
_entity_poly.entity_id
_entity_poly.type
_entity_poly.pdbx_seq_one_letter_code
_entity_poly.pdbx_strand_id
1 'polypeptide(L)'
;MGLEQLEAQTNFTKRELQVLYRGFKNECPSGVVNEDTFKQIYAQFFPHGDASTYAHYLFNAFDTTQTGSVKFEDFVTALS
ILLRGTVHEKLRWTFNLYDINKDGYINKEEMMDIVKAIYDMMGKYTYPVLKEDTPRQHVDVFFQKMDKNKDGIVTLDEFL
ESCQEDDNIMRSLQLFQNVM
;
A,C
2 'polypeptide(L)'
;AAWLPFARAAAIGWMPVANCPMPLAPADKNKRQDELIVLNVSGRRFQTWRTTLERYPDTLLGSTEKEFFFNEDTKEYFFD
RDPEVFRCVLNFYRTGKLHYPRYECISAYDDELAFYGILPEIIGDCCYEEYKDRKRENAE
;
B,D
#
# COMPACT_ATOMS: atom_id res chain seq x y z
N MET A 1 -11.76 -0.96 -0.62
CA MET A 1 -10.64 -0.38 0.19
C MET A 1 -10.78 1.13 0.34
N GLY A 2 -11.11 1.59 1.55
CA GLY A 2 -11.23 3.01 1.83
C GLY A 2 -11.62 3.30 3.26
N LEU A 3 -10.72 3.91 4.02
CA LEU A 3 -10.92 4.16 5.46
C LEU A 3 -12.04 5.15 5.77
N GLU A 4 -12.11 6.23 4.99
CA GLU A 4 -13.18 7.22 5.12
C GLU A 4 -14.51 6.68 4.60
N GLN A 5 -14.43 5.84 3.56
CA GLN A 5 -15.61 5.28 2.91
C GLN A 5 -16.29 4.23 3.79
N LEU A 6 -15.49 3.37 4.39
CA LEU A 6 -15.99 2.30 5.26
C LEU A 6 -16.55 2.85 6.56
N GLU A 7 -16.05 4.02 6.97
CA GLU A 7 -16.50 4.68 8.19
C GLU A 7 -17.98 5.07 8.08
N ALA A 8 -18.43 5.31 6.85
CA ALA A 8 -19.83 5.64 6.58
C ALA A 8 -20.70 4.38 6.56
N GLN A 9 -20.27 3.36 5.81
CA GLN A 9 -21.09 2.16 5.61
C GLN A 9 -20.98 1.12 6.74
N THR A 10 -20.23 1.45 7.79
CA THR A 10 -20.19 0.60 8.98
C THR A 10 -20.47 1.42 10.22
N ASN A 11 -20.57 0.73 11.36
CA ASN A 11 -20.77 1.37 12.66
C ASN A 11 -19.48 1.66 13.41
N PHE A 12 -18.38 1.09 12.94
CA PHE A 12 -17.08 1.27 13.59
C PHE A 12 -16.53 2.66 13.35
N THR A 13 -15.76 3.17 14.30
CA THR A 13 -15.09 4.46 14.16
C THR A 13 -13.83 4.30 13.28
N LYS A 14 -13.19 5.43 12.97
CA LYS A 14 -11.95 5.42 12.21
C LYS A 14 -10.87 4.66 12.96
N ARG A 15 -10.86 4.80 14.29
CA ARG A 15 -9.85 4.15 15.13
C ARG A 15 -10.07 2.65 15.19
N GLU A 16 -11.33 2.23 15.24
CA GLU A 16 -11.64 0.81 15.31
C GLU A 16 -11.32 0.11 13.98
N LEU A 17 -11.70 0.73 12.87
CA LEU A 17 -11.46 0.17 11.53
C LEU A 17 -9.97 -0.09 11.26
N GLN A 18 -9.12 0.72 11.86
CA GLN A 18 -7.68 0.55 11.72
C GLN A 18 -7.21 -0.68 12.49
N VAL A 19 -7.79 -0.89 13.67
CA VAL A 19 -7.40 -2.01 14.54
C VAL A 19 -7.90 -3.31 13.94
N LEU A 20 -9.13 -3.26 13.43
CA LEU A 20 -9.76 -4.40 12.79
C LEU A 20 -9.04 -4.83 11.52
N TYR A 21 -8.57 -3.86 10.72
CA TYR A 21 -7.78 -4.16 9.52
C TYR A 21 -6.43 -4.78 9.86
N ARG A 22 -5.74 -4.22 10.85
CA ARG A 22 -4.52 -4.80 11.40
C ARG A 22 -4.74 -6.24 11.89
N GLY A 23 -5.85 -6.46 12.60
CA GLY A 23 -6.24 -7.79 13.08
C GLY A 23 -6.59 -8.74 11.96
N PHE A 24 -7.17 -8.19 10.89
CA PHE A 24 -7.56 -8.94 9.70
C PHE A 24 -6.35 -9.29 8.85
N LYS A 25 -5.53 -8.29 8.56
CA LYS A 25 -4.42 -8.46 7.62
C LYS A 25 -3.34 -9.37 8.17
N ASN A 26 -3.25 -9.45 9.49
CA ASN A 26 -2.24 -10.29 10.14
C ASN A 26 -2.52 -11.77 9.97
N GLU A 27 -3.75 -12.09 9.58
CA GLU A 27 -4.14 -13.45 9.29
C GLU A 27 -4.06 -13.76 7.81
N CYS A 28 -4.38 -12.78 6.96
CA CYS A 28 -4.19 -12.92 5.51
C CYS A 28 -3.56 -11.68 4.88
N PRO A 29 -2.22 -11.65 4.81
CA PRO A 29 -1.47 -10.51 4.28
C PRO A 29 -1.71 -10.34 2.78
N SER A 30 -2.63 -9.44 2.43
CA SER A 30 -3.07 -9.22 1.04
C SER A 30 -3.46 -10.52 0.33
N GLY A 31 -3.85 -11.52 1.13
CA GLY A 31 -4.18 -12.84 0.61
C GLY A 31 -5.67 -13.04 0.44
N VAL A 32 -6.45 -12.22 1.16
CA VAL A 32 -7.92 -12.26 1.15
C VAL A 32 -8.51 -13.62 1.55
N VAL A 33 -9.02 -13.68 2.79
CA VAL A 33 -9.49 -14.92 3.42
C VAL A 33 -10.27 -15.88 2.50
N ASN A 34 -9.82 -17.14 2.47
CA ASN A 34 -10.58 -18.24 1.90
C ASN A 34 -10.88 -19.28 2.99
N GLU A 35 -11.51 -20.39 2.62
CA GLU A 35 -11.88 -21.43 3.59
C GLU A 35 -10.70 -21.93 4.42
N ASP A 36 -9.56 -22.16 3.77
CA ASP A 36 -8.37 -22.63 4.45
C ASP A 36 -7.92 -21.64 5.54
N THR A 37 -7.93 -20.34 5.20
CA THR A 37 -7.51 -19.30 6.14
C THR A 37 -8.35 -19.32 7.42
N PHE A 38 -9.67 -19.46 7.25
CA PHE A 38 -10.61 -19.54 8.37
C PHE A 38 -10.25 -20.72 9.29
N LYS A 39 -9.99 -21.88 8.69
CA LYS A 39 -9.62 -23.08 9.43
C LYS A 39 -8.39 -22.84 10.31
N GLN A 40 -7.40 -22.14 9.77
CA GLN A 40 -6.15 -21.83 10.46
C GLN A 40 -6.35 -20.86 11.63
N ILE A 41 -7.30 -19.95 11.47
CA ILE A 41 -7.63 -18.98 12.52
C ILE A 41 -8.28 -19.65 13.73
N TYR A 42 -9.34 -20.41 13.49
CA TYR A 42 -10.09 -21.04 14.59
C TYR A 42 -9.40 -22.26 15.18
N ALA A 43 -8.47 -22.84 14.43
CA ALA A 43 -7.58 -23.88 14.95
C ALA A 43 -6.66 -23.29 16.03
N GLN A 44 -6.31 -22.02 15.87
CA GLN A 44 -5.47 -21.31 16.82
C GLN A 44 -6.24 -21.00 18.11
N PHE A 45 -7.53 -20.71 17.97
CA PHE A 45 -8.38 -20.47 19.12
C PHE A 45 -8.70 -21.77 19.86
N PHE A 46 -8.92 -22.85 19.11
CA PHE A 46 -9.33 -24.12 19.71
C PHE A 46 -8.36 -25.26 19.38
N PRO A 47 -7.39 -25.52 20.28
CA PRO A 47 -6.42 -26.61 20.11
C PRO A 47 -7.05 -27.99 20.30
N HIS A 48 -6.42 -29.02 19.71
CA HIS A 48 -6.97 -30.38 19.69
C HIS A 48 -8.44 -30.45 19.24
N GLY A 49 -8.73 -29.81 18.11
CA GLY A 49 -10.07 -29.79 17.53
C GLY A 49 -10.07 -29.38 16.07
N ASP A 50 -10.65 -30.24 15.23
CA ASP A 50 -10.68 -30.01 13.77
C ASP A 50 -11.76 -28.99 13.42
N ALA A 51 -11.35 -27.88 12.82
CA ALA A 51 -12.27 -26.78 12.50
C ALA A 51 -12.59 -26.69 11.01
N SER A 52 -12.24 -27.74 10.26
CA SER A 52 -12.43 -27.77 8.82
C SER A 52 -13.87 -27.54 8.39
N THR A 53 -14.80 -28.28 9.02
CA THR A 53 -16.21 -28.29 8.63
C THR A 53 -16.91 -26.98 8.91
N TYR A 54 -16.67 -26.41 10.10
CA TYR A 54 -17.24 -25.12 10.49
C TYR A 54 -16.75 -23.97 9.60
N ALA A 55 -15.45 -23.94 9.33
CA ALA A 55 -14.85 -22.98 8.39
C ALA A 55 -15.56 -23.00 7.04
N HIS A 56 -16.04 -24.17 6.64
CA HIS A 56 -16.76 -24.33 5.39
C HIS A 56 -18.14 -23.68 5.43
N TYR A 57 -18.86 -23.87 6.53
CA TYR A 57 -20.17 -23.26 6.71
C TYR A 57 -20.06 -21.75 6.88
N LEU A 58 -18.99 -21.32 7.55
CA LEU A 58 -18.71 -19.91 7.82
C LEU A 58 -18.34 -19.17 6.55
N PHE A 59 -17.67 -19.87 5.63
CA PHE A 59 -17.24 -19.30 4.36
C PHE A 59 -18.41 -19.17 3.41
N ASN A 60 -19.32 -20.14 3.47
CA ASN A 60 -20.53 -20.14 2.66
C ASN A 60 -21.49 -19.00 3.03
N ALA A 61 -21.37 -18.51 4.25
CA ALA A 61 -22.17 -17.38 4.73
C ALA A 61 -21.80 -16.07 4.02
N PHE A 62 -20.56 -15.99 3.53
CA PHE A 62 -20.07 -14.80 2.85
C PHE A 62 -20.32 -14.86 1.35
N ASP A 63 -19.47 -14.15 0.60
CA ASP A 63 -19.45 -14.14 -0.87
C ASP A 63 -20.75 -13.66 -1.51
N THR A 64 -20.92 -12.34 -1.53
CA THR A 64 -22.02 -11.69 -2.25
C THR A 64 -21.48 -11.10 -3.57
N THR A 65 -20.16 -10.94 -3.63
CA THR A 65 -19.50 -10.19 -4.70
C THR A 65 -19.14 -11.01 -5.96
N GLN A 66 -17.86 -11.34 -6.14
CA GLN A 66 -17.37 -11.91 -7.40
C GLN A 66 -16.33 -13.04 -7.25
N THR A 67 -15.24 -12.74 -6.53
CA THR A 67 -14.05 -13.59 -6.48
C THR A 67 -14.20 -14.86 -5.63
N GLY A 68 -15.33 -14.99 -4.94
CA GLY A 68 -15.56 -16.14 -4.05
C GLY A 68 -14.99 -15.89 -2.67
N SER A 69 -13.69 -15.58 -2.63
CA SER A 69 -13.00 -15.21 -1.41
C SER A 69 -13.48 -13.87 -0.88
N VAL A 70 -13.80 -13.82 0.41
CA VAL A 70 -14.39 -12.65 1.03
C VAL A 70 -13.35 -11.58 1.37
N LYS A 71 -13.55 -10.37 0.84
CA LYS A 71 -12.64 -9.24 1.08
C LYS A 71 -12.91 -8.57 2.42
N PHE A 72 -12.02 -7.66 2.83
CA PHE A 72 -12.13 -6.97 4.11
C PHE A 72 -13.42 -6.17 4.24
N GLU A 73 -13.82 -5.52 3.14
CA GLU A 73 -15.05 -4.74 3.08
C GLU A 73 -16.25 -5.57 3.55
N ASP A 74 -16.38 -6.78 3.02
CA ASP A 74 -17.44 -7.71 3.41
C ASP A 74 -17.19 -8.36 4.76
N PHE A 75 -15.91 -8.46 5.15
CA PHE A 75 -15.55 -9.01 6.45
C PHE A 75 -15.98 -8.08 7.58
N VAL A 76 -15.77 -6.78 7.39
CA VAL A 76 -16.00 -5.78 8.42
C VAL A 76 -17.48 -5.37 8.56
N THR A 77 -18.22 -5.37 7.44
CA THR A 77 -19.64 -5.07 7.48
C THR A 77 -20.40 -6.17 8.20
N ALA A 78 -19.99 -7.41 7.98
CA ALA A 78 -20.57 -8.57 8.68
C ALA A 78 -20.30 -8.44 10.17
N LEU A 79 -19.10 -7.98 10.50
CA LEU A 79 -18.69 -7.76 11.88
C LEU A 79 -19.37 -6.53 12.49
N SER A 80 -19.67 -5.55 11.64
CA SER A 80 -20.39 -4.35 12.06
C SER A 80 -21.81 -4.73 12.47
N ILE A 81 -22.43 -5.60 11.68
CA ILE A 81 -23.76 -6.14 11.96
C ILE A 81 -23.76 -6.96 13.25
N LEU A 82 -22.74 -7.80 13.42
CA LEU A 82 -22.67 -8.69 14.57
C LEU A 82 -22.36 -8.00 15.90
N LEU A 83 -21.65 -6.88 15.85
CA LEU A 83 -21.21 -6.22 17.07
C LEU A 83 -22.00 -4.97 17.44
N ARG A 84 -22.50 -4.25 16.44
CA ARG A 84 -23.14 -2.95 16.67
C ARG A 84 -24.52 -2.85 16.07
N GLY A 85 -24.78 -3.66 15.04
CA GLY A 85 -26.06 -3.65 14.33
C GLY A 85 -27.28 -4.03 15.14
N THR A 86 -28.46 -3.69 14.62
CA THR A 86 -29.74 -3.93 15.29
C THR A 86 -29.99 -5.43 15.54
N VAL A 87 -30.98 -5.73 16.37
CA VAL A 87 -31.29 -7.12 16.73
C VAL A 87 -31.82 -7.95 15.55
N HIS A 88 -32.55 -7.31 14.64
CA HIS A 88 -33.02 -7.97 13.41
C HIS A 88 -31.94 -8.01 12.31
N GLU A 89 -30.70 -7.74 12.70
CA GLU A 89 -29.55 -7.88 11.80
C GLU A 89 -28.60 -8.93 12.34
N LYS A 90 -28.38 -8.92 13.65
CA LYS A 90 -27.55 -9.91 14.32
C LYS A 90 -28.17 -11.29 14.21
N LEU A 91 -29.47 -11.39 14.52
CA LEU A 91 -30.21 -12.64 14.38
C LEU A 91 -30.36 -13.03 12.92
N ARG A 92 -30.57 -12.05 12.05
CA ARG A 92 -30.69 -12.27 10.60
C ARG A 92 -29.39 -12.87 10.05
N TRP A 93 -28.26 -12.39 10.56
CA TRP A 93 -26.96 -12.92 10.18
C TRP A 93 -26.80 -14.36 10.71
N THR A 94 -27.10 -14.55 11.99
CA THR A 94 -27.06 -15.88 12.63
C THR A 94 -27.97 -16.88 11.92
N PHE A 95 -29.16 -16.44 11.55
CA PHE A 95 -30.10 -17.26 10.80
C PHE A 95 -29.53 -17.64 9.45
N ASN A 96 -28.92 -16.67 8.78
CA ASN A 96 -28.27 -16.89 7.49
C ASN A 96 -27.16 -17.92 7.58
N LEU A 97 -26.48 -17.96 8.72
CA LEU A 97 -25.42 -18.94 8.97
C LEU A 97 -25.97 -20.34 9.20
N TYR A 98 -27.11 -20.42 9.88
CA TYR A 98 -27.76 -21.71 10.16
C TYR A 98 -28.39 -22.35 8.92
N ASP A 99 -28.86 -21.51 7.99
CA ASP A 99 -29.42 -21.96 6.72
C ASP A 99 -28.31 -22.28 5.72
N ILE A 100 -27.83 -23.53 5.75
CA ILE A 100 -26.66 -23.95 4.99
C ILE A 100 -26.87 -23.93 3.48
N ASN A 101 -27.95 -24.56 3.02
CA ASN A 101 -28.30 -24.62 1.60
C ASN A 101 -28.76 -23.27 1.02
N LYS A 102 -28.86 -22.28 1.91
CA LYS A 102 -29.31 -20.92 1.55
C LYS A 102 -30.69 -20.92 0.90
N ASP A 103 -31.67 -21.51 1.58
CA ASP A 103 -33.03 -21.55 1.06
C ASP A 103 -34.12 -21.27 2.10
N GLY A 104 -33.97 -20.16 2.81
CA GLY A 104 -35.02 -19.63 3.68
C GLY A 104 -35.41 -20.39 4.94
N TYR A 105 -35.00 -21.65 5.05
CA TYR A 105 -35.44 -22.49 6.18
C TYR A 105 -34.33 -23.28 6.86
N ILE A 106 -34.47 -23.50 8.16
CA ILE A 106 -33.53 -24.32 8.93
C ILE A 106 -34.20 -25.61 9.37
N ASN A 107 -33.65 -26.75 8.97
CA ASN A 107 -34.21 -28.04 9.33
C ASN A 107 -33.38 -28.82 10.35
N LYS A 108 -33.94 -29.90 10.86
CA LYS A 108 -33.33 -30.73 11.91
C LYS A 108 -31.90 -31.17 11.58
N GLU A 109 -31.69 -31.69 10.39
CA GLU A 109 -30.37 -32.17 9.96
C GLU A 109 -29.43 -31.03 9.63
N GLU A 110 -30.00 -29.91 9.15
CA GLU A 110 -29.23 -28.71 8.82
C GLU A 110 -28.61 -28.12 10.09
N MET A 111 -29.42 -28.03 11.13
CA MET A 111 -28.97 -27.59 12.45
C MET A 111 -27.97 -28.57 13.06
N MET A 112 -28.20 -29.86 12.80
CA MET A 112 -27.33 -30.92 13.29
C MET A 112 -25.90 -30.79 12.75
N ASP A 113 -25.78 -30.30 11.51
CA ASP A 113 -24.47 -30.12 10.87
C ASP A 113 -23.63 -29.06 11.59
N ILE A 114 -24.30 -28.00 12.03
CA ILE A 114 -23.65 -26.86 12.66
C ILE A 114 -23.27 -27.15 14.12
N VAL A 115 -24.18 -27.81 14.85
CA VAL A 115 -23.87 -28.25 16.21
C VAL A 115 -22.65 -29.19 16.21
N LYS A 116 -22.60 -30.08 15.23
CA LYS A 116 -21.45 -30.96 15.03
C LYS A 116 -20.21 -30.16 14.60
N ALA A 117 -20.41 -29.11 13.83
CA ALA A 117 -19.30 -28.28 13.33
C ALA A 117 -18.57 -27.51 14.43
N ILE A 118 -19.31 -27.10 15.46
CA ILE A 118 -18.71 -26.41 16.60
C ILE A 118 -18.12 -27.42 17.59
N TYR A 119 -18.89 -28.46 17.92
CA TYR A 119 -18.39 -29.55 18.77
C TYR A 119 -17.08 -30.12 18.26
N ASP A 120 -16.92 -30.18 16.94
CA ASP A 120 -15.72 -30.74 16.32
C ASP A 120 -14.53 -29.78 16.33
N MET A 121 -14.81 -28.48 16.28
CA MET A 121 -13.74 -27.47 16.24
C MET A 121 -13.01 -27.30 17.58
N MET A 122 -13.66 -27.72 18.67
CA MET A 122 -13.12 -27.56 20.02
C MET A 122 -12.34 -28.79 20.50
N ASP A 133 -23.60 -31.24 27.60
CA ASP A 133 -23.56 -32.64 28.00
C ASP A 133 -24.31 -33.55 27.01
N THR A 134 -25.27 -32.97 26.28
CA THR A 134 -26.05 -33.70 25.28
C THR A 134 -25.17 -34.08 24.08
N PRO A 135 -25.16 -35.38 23.71
CA PRO A 135 -24.37 -35.84 22.57
C PRO A 135 -24.93 -35.32 21.24
N ARG A 136 -24.47 -34.13 20.84
CA ARG A 136 -24.83 -33.45 19.56
C ARG A 136 -26.33 -33.23 19.31
N GLN A 137 -27.17 -33.96 20.05
CA GLN A 137 -28.62 -33.92 19.88
C GLN A 137 -29.26 -32.78 20.68
N HIS A 138 -28.51 -31.69 20.81
CA HIS A 138 -29.01 -30.48 21.46
C HIS A 138 -29.93 -29.72 20.51
N VAL A 139 -30.03 -30.23 19.29
CA VAL A 139 -30.96 -29.76 18.27
C VAL A 139 -32.41 -30.02 18.70
N ASP A 140 -32.63 -31.14 19.39
CA ASP A 140 -33.96 -31.53 19.89
C ASP A 140 -34.52 -30.52 20.88
N VAL A 141 -33.64 -29.94 21.69
CA VAL A 141 -34.01 -28.89 22.66
C VAL A 141 -34.24 -27.57 21.92
N PHE A 142 -33.43 -27.33 20.89
CA PHE A 142 -33.48 -26.12 20.08
C PHE A 142 -34.82 -25.97 19.35
N PHE A 143 -35.20 -27.01 18.61
CA PHE A 143 -36.43 -27.00 17.82
C PHE A 143 -37.71 -26.97 18.67
N GLN A 144 -37.67 -27.63 19.83
CA GLN A 144 -38.84 -27.69 20.71
C GLN A 144 -39.19 -26.31 21.27
N LYS A 145 -38.18 -25.45 21.37
CA LYS A 145 -38.39 -24.09 21.86
C LYS A 145 -37.84 -23.04 20.88
N MET A 146 -38.21 -23.21 19.60
CA MET A 146 -37.93 -22.22 18.56
C MET A 146 -38.96 -22.30 17.43
N ASP A 147 -39.52 -23.49 17.22
CA ASP A 147 -40.51 -23.74 16.16
C ASP A 147 -41.93 -23.50 16.67
N LYS A 148 -42.63 -22.57 16.02
CA LYS A 148 -44.02 -22.28 16.32
C LYS A 148 -44.98 -23.28 15.65
N ASN A 149 -44.69 -23.63 14.40
CA ASN A 149 -45.51 -24.59 13.64
C ASN A 149 -45.34 -26.03 14.12
N LYS A 150 -44.12 -26.36 14.53
CA LYS A 150 -43.73 -27.73 14.93
C LYS A 150 -43.87 -28.72 13.75
N ASP A 151 -43.36 -28.30 12.59
CA ASP A 151 -43.31 -29.15 11.41
C ASP A 151 -41.87 -29.52 11.02
N GLY A 152 -40.92 -29.20 11.91
CA GLY A 152 -39.50 -29.49 11.68
C GLY A 152 -38.82 -28.42 10.83
N ILE A 153 -39.46 -27.26 10.72
CA ILE A 153 -38.92 -26.13 9.96
C ILE A 153 -39.01 -24.85 10.78
N VAL A 154 -37.87 -24.18 10.94
CA VAL A 154 -37.80 -22.85 11.58
C VAL A 154 -37.48 -21.81 10.52
N THR A 155 -38.40 -20.85 10.34
CA THR A 155 -38.22 -19.79 9.36
C THR A 155 -37.51 -18.60 10.00
N LEU A 156 -37.29 -17.56 9.21
CA LEU A 156 -36.69 -16.31 9.69
C LEU A 156 -37.59 -15.64 10.73
N ASP A 157 -38.84 -15.35 10.34
CA ASP A 157 -39.82 -14.72 11.23
C ASP A 157 -40.06 -15.55 12.48
N GLU A 158 -39.97 -16.87 12.33
CA GLU A 158 -40.14 -17.82 13.43
C GLU A 158 -38.95 -17.74 14.38
N PHE A 159 -37.76 -17.54 13.82
CA PHE A 159 -36.54 -17.43 14.61
C PHE A 159 -36.47 -16.10 15.36
N LEU A 160 -36.79 -15.00 14.67
CA LEU A 160 -36.70 -13.64 15.25
C LEU A 160 -37.60 -13.44 16.47
N GLU A 161 -38.87 -13.86 16.34
CA GLU A 161 -39.84 -13.69 17.41
C GLU A 161 -39.62 -14.66 18.57
N SER A 162 -39.00 -15.81 18.27
CA SER A 162 -38.73 -16.84 19.28
C SER A 162 -37.54 -16.50 20.15
N CYS A 163 -36.63 -15.69 19.62
CA CYS A 163 -35.48 -15.21 20.39
C CYS A 163 -35.84 -14.03 21.28
N GLN A 164 -36.89 -13.30 20.90
CA GLN A 164 -37.39 -12.19 21.73
C GLN A 164 -38.00 -12.69 23.02
N GLU A 165 -38.69 -13.83 22.95
CA GLU A 165 -39.38 -14.42 24.11
C GLU A 165 -38.41 -14.86 25.20
N ASP A 166 -37.24 -15.35 24.79
CA ASP A 166 -36.16 -15.65 25.74
C ASP A 166 -35.35 -14.38 25.96
N ASP A 167 -35.62 -13.71 27.07
CA ASP A 167 -34.95 -12.46 27.41
C ASP A 167 -33.46 -12.68 27.72
N ASN A 168 -33.09 -13.93 28.00
CA ASN A 168 -31.71 -14.30 28.34
C ASN A 168 -30.77 -14.22 27.14
N ILE A 169 -31.31 -14.45 25.94
CA ILE A 169 -30.54 -14.33 24.70
C ILE A 169 -30.34 -12.84 24.37
N MET A 170 -31.44 -12.08 24.42
CA MET A 170 -31.43 -10.63 24.18
C MET A 170 -30.47 -9.89 25.11
N ARG A 171 -30.33 -10.42 26.32
CA ARG A 171 -29.42 -9.87 27.33
C ARG A 171 -27.95 -10.07 26.91
N SER A 172 -27.67 -11.23 26.29
CA SER A 172 -26.31 -11.58 25.86
C SER A 172 -25.98 -11.05 24.47
N LEU A 173 -26.99 -10.99 23.61
CA LEU A 173 -26.82 -10.54 22.24
C LEU A 173 -26.60 -9.03 22.16
N GLN A 174 -27.22 -8.30 23.10
CA GLN A 174 -27.08 -6.84 23.15
C GLN A 174 -26.12 -6.41 24.25
N LEU A 175 -25.10 -7.23 24.52
CA LEU A 175 -24.13 -6.94 25.56
C LEU A 175 -23.21 -5.77 25.21
N PHE A 176 -23.13 -5.45 23.93
CA PHE A 176 -22.21 -4.42 23.41
C PHE A 176 -20.74 -4.82 23.63
N GLN A 177 -20.06 -5.16 22.54
CA GLN A 177 -18.69 -5.60 22.62
C GLN A 177 -17.79 -4.63 21.86
N ASN A 178 -17.02 -3.83 22.60
CA ASN A 178 -16.09 -2.90 21.97
C ASN A 178 -14.80 -3.61 21.57
N VAL A 179 -14.16 -3.13 20.51
CA VAL A 179 -12.92 -3.73 20.02
C VAL A 179 -11.72 -2.96 20.55
N MET A 180 -10.62 -2.94 19.79
CA MET A 180 -9.39 -2.20 20.13
C MET A 180 -8.62 -2.77 21.34
N ALA B 1 -8.46 -11.87 17.83
CA ALA B 1 -9.47 -11.62 18.88
C ALA B 1 -10.83 -11.12 18.40
N ALA B 2 -10.86 -10.47 17.24
CA ALA B 2 -12.12 -9.96 16.67
C ALA B 2 -12.63 -10.88 15.56
N TRP B 3 -12.17 -12.12 15.59
CA TRP B 3 -12.67 -13.16 14.71
C TRP B 3 -13.67 -14.01 15.48
N LEU B 4 -13.71 -13.81 16.80
CA LEU B 4 -14.57 -14.58 17.68
C LEU B 4 -16.08 -14.35 17.52
N PRO B 5 -16.51 -13.11 17.21
CA PRO B 5 -17.94 -12.86 17.08
C PRO B 5 -18.60 -13.71 16.02
N PHE B 6 -17.80 -14.23 15.09
CA PHE B 6 -18.29 -15.17 14.07
C PHE B 6 -18.54 -16.55 14.68
N ALA B 7 -17.58 -17.04 15.47
CA ALA B 7 -17.77 -18.26 16.24
C ALA B 7 -18.92 -18.11 17.22
N ARG B 8 -19.00 -16.94 17.85
CA ARG B 8 -20.10 -16.62 18.79
C ARG B 8 -21.47 -16.59 18.13
N ALA B 9 -21.52 -16.24 16.85
CA ALA B 9 -22.79 -16.13 16.12
C ALA B 9 -23.46 -17.49 15.90
N ALA B 10 -22.63 -18.51 15.66
CA ALA B 10 -23.10 -19.87 15.35
C ALA B 10 -23.56 -20.63 16.59
N ALA B 11 -23.46 -20.00 17.75
CA ALA B 11 -23.86 -20.60 19.01
C ALA B 11 -25.12 -19.98 19.60
N ILE B 12 -25.49 -18.80 19.10
CA ILE B 12 -26.70 -18.11 19.58
C ILE B 12 -27.93 -18.92 19.24
N GLY B 13 -28.67 -19.33 20.26
CA GLY B 13 -29.93 -20.04 20.07
C GLY B 13 -29.99 -21.43 20.70
N TRP B 14 -28.86 -22.12 20.74
CA TRP B 14 -28.81 -23.48 21.28
C TRP B 14 -27.85 -23.67 22.45
N MET B 15 -26.94 -22.71 22.64
CA MET B 15 -26.11 -22.70 23.85
C MET B 15 -25.78 -21.26 24.32
N PRO B 16 -26.81 -20.44 24.60
CA PRO B 16 -26.58 -19.10 25.10
C PRO B 16 -26.57 -19.02 26.64
N VAL B 17 -25.50 -18.43 27.20
CA VAL B 17 -25.33 -18.25 28.66
C VAL B 17 -25.42 -19.56 29.47
N ALA B 18 -25.64 -20.68 28.77
CA ALA B 18 -25.83 -21.99 29.41
C ALA B 18 -24.53 -22.56 29.96
N ASN B 19 -23.47 -22.55 29.18
CA ASN B 19 -22.20 -23.11 29.59
C ASN B 19 -21.04 -22.42 28.86
N CYS B 20 -21.08 -22.44 27.53
CA CYS B 20 -20.02 -21.82 26.71
C CYS B 20 -18.67 -22.49 27.06
N PRO B 21 -17.54 -22.22 26.30
CA PRO B 21 -16.13 -22.64 26.71
C PRO B 21 -15.27 -21.34 26.79
N MET B 22 -14.57 -20.95 25.73
CA MET B 22 -13.79 -19.71 25.71
C MET B 22 -14.43 -18.53 24.96
N PRO B 23 -15.40 -18.80 24.06
CA PRO B 23 -16.11 -17.68 23.41
C PRO B 23 -17.22 -17.10 24.34
N LEU B 24 -18.00 -16.08 23.88
CA LEU B 24 -19.08 -15.32 24.62
C LEU B 24 -18.54 -14.44 25.70
N ALA B 25 -18.76 -13.17 25.52
CA ALA B 25 -18.39 -12.10 26.45
C ALA B 25 -16.89 -11.79 26.51
N PRO B 26 -16.49 -10.58 26.07
CA PRO B 26 -15.13 -10.09 26.26
C PRO B 26 -14.83 -9.77 27.73
N ALA B 27 -14.55 -10.83 28.50
CA ALA B 27 -14.42 -10.75 29.95
C ALA B 27 -13.20 -9.94 30.41
N ASP B 28 -13.25 -9.49 31.66
CA ASP B 28 -12.17 -8.75 32.33
C ASP B 28 -11.94 -7.32 31.82
N LYS B 29 -12.66 -6.95 30.75
CA LYS B 29 -12.51 -5.63 30.10
C LYS B 29 -11.04 -5.35 29.73
N ASN B 30 -10.49 -6.23 28.90
CA ASN B 30 -9.08 -6.16 28.48
C ASN B 30 -8.88 -5.23 27.29
N LYS B 31 -9.96 -4.57 26.86
CA LYS B 31 -9.94 -3.70 25.67
C LYS B 31 -9.18 -2.39 25.93
N ARG B 32 -8.78 -1.73 24.84
CA ARG B 32 -8.01 -0.47 24.87
C ARG B 32 -6.65 -0.59 25.57
N GLN B 33 -6.32 -1.82 26.01
CA GLN B 33 -5.08 -2.09 26.73
C GLN B 33 -3.87 -2.09 25.81
N ASP B 34 -4.11 -2.15 24.50
CA ASP B 34 -3.03 -2.22 23.53
C ASP B 34 -2.39 -0.86 23.26
N GLU B 35 -1.18 -0.69 23.77
CA GLU B 35 -0.41 0.52 23.51
C GLU B 35 0.92 0.11 22.88
N LEU B 36 1.64 1.09 22.33
CA LEU B 36 2.96 0.86 21.78
C LEU B 36 3.96 0.77 22.91
N ILE B 37 4.49 -0.43 23.13
CA ILE B 37 5.59 -0.61 24.06
C ILE B 37 6.92 -0.27 23.40
N VAL B 38 7.75 0.51 24.11
CA VAL B 38 9.08 0.87 23.62
C VAL B 38 10.13 -0.04 24.21
N LEU B 39 10.93 -0.67 23.36
CA LEU B 39 11.96 -1.61 23.82
C LEU B 39 13.35 -1.09 23.45
N ASN B 40 13.99 -0.40 24.38
CA ASN B 40 15.30 0.19 24.15
C ASN B 40 16.38 -0.89 24.25
N VAL B 41 16.93 -1.29 23.11
CA VAL B 41 18.01 -2.27 23.07
C VAL B 41 19.30 -1.60 22.59
N SER B 42 20.20 -1.31 23.53
CA SER B 42 21.51 -0.74 23.22
C SER B 42 21.42 0.63 22.55
N GLY B 43 20.39 1.39 22.90
CA GLY B 43 20.21 2.73 22.33
C GLY B 43 19.19 2.75 21.22
N ARG B 44 19.10 1.63 20.50
CA ARG B 44 18.18 1.48 19.40
C ARG B 44 16.77 1.28 19.94
N ARG B 45 15.90 2.26 19.70
CA ARG B 45 14.53 2.24 20.20
C ARG B 45 13.66 1.39 19.30
N PHE B 46 13.37 0.17 19.76
CA PHE B 46 12.39 -0.70 19.10
C PHE B 46 11.01 -0.41 19.65
N GLN B 47 10.00 -0.51 18.78
CA GLN B 47 8.63 -0.22 19.15
C GLN B 47 7.71 -1.29 18.63
N THR B 48 6.89 -1.86 19.52
CA THR B 48 5.92 -2.91 19.15
C THR B 48 4.62 -2.80 19.96
N TRP B 49 3.54 -3.38 19.44
CA TRP B 49 2.27 -3.43 20.18
C TRP B 49 2.42 -4.42 21.31
N ARG B 50 1.86 -4.09 22.47
CA ARG B 50 2.13 -4.87 23.67
C ARG B 50 1.54 -6.29 23.54
N THR B 51 0.52 -6.41 22.71
CA THR B 51 -0.14 -7.69 22.42
C THR B 51 0.79 -8.64 21.65
N THR B 52 1.70 -8.07 20.87
CA THR B 52 2.70 -8.83 20.11
C THR B 52 3.68 -9.53 21.05
N LEU B 53 4.02 -8.87 22.16
CA LEU B 53 4.87 -9.49 23.18
C LEU B 53 4.10 -10.53 23.99
N GLU B 54 2.79 -10.35 24.06
CA GLU B 54 1.91 -11.24 24.81
C GLU B 54 1.69 -12.59 24.11
N ARG B 55 1.96 -12.62 22.81
CA ARG B 55 1.84 -13.83 21.98
C ARG B 55 2.47 -15.06 22.61
N TYR B 56 3.71 -14.94 23.09
CA TYR B 56 4.42 -16.06 23.71
C TYR B 56 4.76 -15.75 25.16
N PRO B 57 3.80 -15.99 26.07
CA PRO B 57 3.95 -15.57 27.48
C PRO B 57 5.06 -16.30 28.22
N ASP B 58 5.53 -17.41 27.68
CA ASP B 58 6.54 -18.25 28.34
C ASP B 58 7.95 -17.85 27.92
N THR B 59 8.17 -16.56 27.76
CA THR B 59 9.49 -15.99 27.48
C THR B 59 9.71 -14.74 28.32
N LEU B 60 10.89 -14.15 28.22
CA LEU B 60 11.24 -12.95 28.96
C LEU B 60 10.35 -11.76 28.58
N LEU B 61 10.23 -11.50 27.29
CA LEU B 61 9.36 -10.41 26.80
C LEU B 61 7.88 -10.78 26.89
N GLY B 62 7.61 -12.07 26.99
CA GLY B 62 6.26 -12.57 27.13
C GLY B 62 5.74 -12.49 28.55
N SER B 63 6.57 -12.89 29.51
CA SER B 63 6.18 -12.88 30.92
C SER B 63 6.48 -11.54 31.58
N THR B 64 6.30 -11.50 32.90
CA THR B 64 6.57 -10.30 33.70
C THR B 64 8.06 -10.17 34.04
N GLU B 65 8.89 -10.93 33.34
CA GLU B 65 10.32 -10.89 33.55
C GLU B 65 10.91 -9.60 32.98
N LYS B 66 10.30 -9.10 31.91
CA LYS B 66 10.76 -7.86 31.27
C LYS B 66 10.69 -6.65 32.21
N GLU B 67 9.85 -6.74 33.24
CA GLU B 67 9.63 -5.65 34.18
C GLU B 67 10.86 -5.38 35.03
N PHE B 68 11.80 -6.32 35.03
CA PHE B 68 13.10 -6.14 35.70
C PHE B 68 14.00 -5.24 34.87
N PHE B 69 13.64 -5.09 33.60
CA PHE B 69 14.39 -4.28 32.65
C PHE B 69 13.69 -2.97 32.37
N PHE B 70 12.50 -2.78 32.95
CA PHE B 70 11.73 -1.55 32.78
C PHE B 70 12.30 -0.39 33.61
N ASN B 71 12.36 0.79 33.01
CA ASN B 71 12.79 1.98 33.73
C ASN B 71 11.60 2.93 33.84
N GLU B 72 11.15 3.18 35.07
CA GLU B 72 9.99 4.05 35.30
C GLU B 72 10.29 5.52 34.96
N ASP B 73 11.57 5.89 35.04
CA ASP B 73 12.02 7.25 34.78
C ASP B 73 11.97 7.63 33.30
N THR B 74 12.10 6.63 32.42
CA THR B 74 12.05 6.88 30.97
C THR B 74 10.90 6.16 30.32
N LYS B 75 10.12 5.46 31.13
CA LYS B 75 8.97 4.67 30.69
C LYS B 75 9.29 3.77 29.48
N GLU B 76 10.37 3.01 29.60
CA GLU B 76 10.75 2.04 28.57
C GLU B 76 11.61 0.91 29.13
N TYR B 77 11.58 -0.24 28.46
CA TYR B 77 12.40 -1.39 28.83
C TYR B 77 13.77 -1.20 28.19
N PHE B 78 14.81 -1.25 29.00
CA PHE B 78 16.16 -1.11 28.48
C PHE B 78 16.88 -2.45 28.55
N PHE B 79 17.48 -2.86 27.44
CA PHE B 79 18.28 -4.07 27.38
C PHE B 79 19.71 -3.77 26.93
N ASP B 80 20.68 -4.08 27.78
CA ASP B 80 22.09 -3.89 27.46
C ASP B 80 22.62 -5.05 26.59
N ARG B 81 21.83 -5.39 25.56
CA ARG B 81 22.14 -6.50 24.65
C ARG B 81 22.31 -6.00 23.20
N ASP B 82 22.69 -6.90 22.31
CA ASP B 82 22.90 -6.58 20.90
C ASP B 82 21.60 -6.17 20.23
N PRO B 83 21.58 -5.00 19.59
CA PRO B 83 20.36 -4.51 18.94
C PRO B 83 20.01 -5.30 17.70
N GLU B 84 21.03 -5.88 17.06
CA GLU B 84 20.82 -6.57 15.79
C GLU B 84 20.08 -7.91 15.90
N VAL B 85 20.48 -8.75 16.85
CA VAL B 85 19.86 -10.04 17.03
C VAL B 85 18.46 -9.89 17.65
N PHE B 86 18.23 -8.76 18.30
CA PHE B 86 16.95 -8.52 18.95
C PHE B 86 15.86 -8.36 17.92
N ARG B 87 16.24 -7.79 16.77
CA ARG B 87 15.35 -7.65 15.62
C ARG B 87 14.77 -9.00 15.23
N CYS B 88 15.59 -10.05 15.27
CA CYS B 88 15.11 -11.40 14.99
C CYS B 88 14.20 -11.91 16.08
N VAL B 89 14.58 -11.64 17.33
CA VAL B 89 13.81 -12.08 18.47
C VAL B 89 12.45 -11.40 18.46
N LEU B 90 12.43 -10.11 18.13
CA LEU B 90 11.19 -9.36 18.07
C LEU B 90 10.32 -9.84 16.92
N ASN B 91 10.95 -10.10 15.77
CA ASN B 91 10.25 -10.63 14.60
C ASN B 91 9.58 -11.98 14.79
N PHE B 92 10.07 -12.75 15.76
CA PHE B 92 9.49 -14.03 16.13
C PHE B 92 8.09 -13.84 16.71
N TYR B 93 7.91 -12.79 17.49
CA TYR B 93 6.62 -12.45 18.07
C TYR B 93 5.65 -11.98 17.01
N ARG B 94 6.18 -11.42 15.93
CA ARG B 94 5.35 -10.90 14.87
C ARG B 94 4.98 -11.99 13.87
N THR B 95 5.98 -12.59 13.23
CA THR B 95 5.72 -13.56 12.16
C THR B 95 5.21 -14.90 12.67
N GLY B 96 5.68 -15.29 13.86
CA GLY B 96 5.35 -16.61 14.40
C GLY B 96 6.49 -17.59 14.22
N LYS B 97 7.42 -17.25 13.35
CA LYS B 97 8.59 -18.10 13.08
C LYS B 97 9.89 -17.38 13.40
N LEU B 98 10.79 -18.08 14.09
CA LEU B 98 12.12 -17.56 14.40
C LEU B 98 13.09 -17.73 13.24
N HIS B 99 13.67 -16.62 12.80
CA HIS B 99 14.57 -16.64 11.67
C HIS B 99 16.02 -16.45 12.11
N TYR B 100 16.90 -17.27 11.56
CA TYR B 100 18.34 -17.13 11.80
C TYR B 100 18.97 -16.23 10.73
N PRO B 101 19.57 -15.10 11.15
CA PRO B 101 20.29 -14.23 10.22
C PRO B 101 21.60 -14.89 9.76
N ARG B 102 21.74 -15.03 8.44
CA ARG B 102 22.87 -15.74 7.81
C ARG B 102 24.21 -15.11 8.14
N TYR B 103 24.21 -13.79 8.29
CA TYR B 103 25.42 -13.00 8.54
C TYR B 103 25.94 -13.11 9.98
N GLU B 104 25.04 -13.34 10.94
CA GLU B 104 25.40 -13.44 12.35
C GLU B 104 26.07 -14.77 12.70
N CYS B 105 26.78 -14.78 13.82
CA CYS B 105 27.44 -15.97 14.32
C CYS B 105 26.48 -16.83 15.14
N ILE B 106 26.56 -18.15 14.99
CA ILE B 106 25.68 -19.08 15.71
C ILE B 106 25.83 -19.01 17.22
N SER B 107 27.04 -18.72 17.67
CA SER B 107 27.33 -18.65 19.11
C SER B 107 26.67 -17.41 19.72
N ALA B 108 26.90 -16.25 19.10
CA ALA B 108 26.27 -15.00 19.49
C ALA B 108 24.74 -15.09 19.44
N TYR B 109 24.24 -15.78 18.41
CA TYR B 109 22.81 -15.95 18.20
C TYR B 109 22.17 -16.85 19.27
N ASP B 110 22.86 -17.92 19.64
CA ASP B 110 22.39 -18.84 20.66
C ASP B 110 22.41 -18.20 22.03
N ASP B 111 23.39 -17.33 22.26
CA ASP B 111 23.54 -16.63 23.54
C ASP B 111 22.41 -15.65 23.77
N GLU B 112 21.98 -14.99 22.69
CA GLU B 112 20.90 -14.03 22.75
C GLU B 112 19.54 -14.69 22.87
N LEU B 113 19.38 -15.84 22.23
CA LEU B 113 18.14 -16.62 22.35
C LEU B 113 17.95 -17.13 23.78
N ALA B 114 19.06 -17.49 24.41
CA ALA B 114 19.06 -18.01 25.77
C ALA B 114 18.69 -16.90 26.75
N PHE B 115 19.06 -15.66 26.41
CA PHE B 115 18.74 -14.51 27.24
C PHE B 115 17.25 -14.23 27.26
N TYR B 116 16.63 -14.17 26.07
CA TYR B 116 15.21 -13.81 25.98
C TYR B 116 14.29 -15.00 26.21
N GLY B 117 14.89 -16.18 26.41
CA GLY B 117 14.15 -17.38 26.75
C GLY B 117 13.44 -18.07 25.60
N ILE B 118 13.92 -17.84 24.38
CA ILE B 118 13.42 -18.55 23.21
C ILE B 118 14.34 -19.74 22.90
N LEU B 119 13.72 -20.91 22.74
CA LEU B 119 14.47 -22.13 22.42
C LEU B 119 14.80 -22.23 20.93
N PRO B 120 16.00 -22.74 20.60
CA PRO B 120 16.39 -22.85 19.19
C PRO B 120 15.64 -23.94 18.41
N GLU B 121 14.86 -24.76 19.11
CA GLU B 121 14.05 -25.80 18.47
C GLU B 121 12.84 -25.23 17.74
N ILE B 122 12.66 -23.91 17.84
CA ILE B 122 11.51 -23.22 17.22
C ILE B 122 11.86 -22.63 15.86
N ILE B 123 13.16 -22.55 15.55
CA ILE B 123 13.63 -22.01 14.28
C ILE B 123 12.90 -22.70 13.14
N GLY B 124 12.21 -21.92 12.31
CA GLY B 124 11.43 -22.46 11.20
C GLY B 124 12.24 -23.29 10.21
N ASP B 125 11.54 -24.14 9.46
CA ASP B 125 12.16 -24.92 8.39
C ASP B 125 12.71 -24.01 7.31
N CYS B 126 12.25 -22.76 7.28
CA CYS B 126 12.69 -21.79 6.31
C CYS B 126 14.20 -21.52 6.37
N CYS B 127 14.76 -21.58 7.58
CA CYS B 127 16.19 -21.44 7.77
C CYS B 127 16.71 -22.36 8.89
N TYR B 128 16.09 -23.53 8.98
CA TYR B 128 16.59 -24.60 9.83
C TYR B 128 17.82 -25.23 9.20
N GLU B 129 17.79 -25.35 7.88
CA GLU B 129 18.94 -25.80 7.08
C GLU B 129 20.18 -24.95 7.36
N GLU B 130 20.02 -23.63 7.36
CA GLU B 130 21.14 -22.70 7.57
C GLU B 130 21.68 -22.77 8.99
N TYR B 131 20.77 -22.91 9.95
CA TYR B 131 21.16 -22.89 11.36
C TYR B 131 21.94 -24.14 11.78
N LYS B 132 21.43 -25.31 11.40
CA LYS B 132 22.05 -26.57 11.75
C LYS B 132 23.46 -26.67 11.14
N ASP B 133 23.58 -26.31 9.87
CA ASP B 133 24.85 -26.43 9.14
C ASP B 133 25.95 -25.50 9.62
N ARG B 134 25.57 -24.28 9.99
CA ARG B 134 26.52 -23.28 10.48
C ARG B 134 26.88 -23.52 11.94
N LYS B 135 26.06 -24.32 12.64
CA LYS B 135 26.42 -24.80 13.97
C LYS B 135 27.25 -26.08 13.87
N ARG B 136 27.99 -26.20 12.76
CA ARG B 136 28.86 -27.35 12.42
C ARG B 136 28.07 -28.64 12.20
N MET C 1 27.65 23.73 -11.49
CA MET C 1 26.54 23.92 -10.50
C MET C 1 26.90 24.95 -9.42
N GLY C 2 25.88 25.50 -8.77
CA GLY C 2 26.06 26.49 -7.71
C GLY C 2 24.72 27.06 -7.28
N LEU C 3 24.29 26.70 -6.07
CA LEU C 3 22.94 27.02 -5.60
C LEU C 3 22.64 28.53 -5.52
N GLU C 4 23.55 29.28 -4.91
CA GLU C 4 23.43 30.74 -4.84
C GLU C 4 23.65 31.40 -6.18
N GLN C 5 24.54 30.82 -6.98
CA GLN C 5 24.89 31.34 -8.30
C GLN C 5 23.74 31.21 -9.29
N LEU C 6 23.07 30.06 -9.26
CA LEU C 6 21.95 29.77 -10.16
C LEU C 6 20.70 30.59 -9.83
N GLU C 7 20.53 30.90 -8.55
CA GLU C 7 19.39 31.68 -8.08
C GLU C 7 19.36 33.06 -8.74
N ALA C 8 20.54 33.63 -8.96
CA ALA C 8 20.67 34.93 -9.59
C ALA C 8 20.42 34.86 -11.10
N GLN C 9 21.01 33.87 -11.75
CA GLN C 9 20.94 33.75 -13.22
C GLN C 9 19.67 33.03 -13.71
N THR C 10 18.85 32.56 -12.78
CA THR C 10 17.54 32.02 -13.14
C THR C 10 16.44 32.77 -12.41
N ASN C 11 15.19 32.43 -12.73
CA ASN C 11 14.02 32.98 -12.06
C ASN C 11 13.47 32.12 -10.92
N PHE C 12 14.00 30.91 -10.79
CA PHE C 12 13.58 30.02 -9.73
C PHE C 12 14.17 30.45 -8.38
N THR C 13 13.44 30.16 -7.31
CA THR C 13 13.91 30.43 -5.95
C THR C 13 14.88 29.32 -5.50
N LYS C 14 15.57 29.56 -4.40
CA LYS C 14 16.46 28.56 -3.83
C LYS C 14 15.73 27.24 -3.60
N ARG C 15 14.49 27.33 -3.11
CA ARG C 15 13.70 26.14 -2.79
C ARG C 15 13.27 25.38 -4.04
N GLU C 16 12.92 26.11 -5.09
CA GLU C 16 12.54 25.48 -6.35
C GLU C 16 13.73 24.83 -7.06
N LEU C 17 14.91 25.43 -6.93
CA LEU C 17 16.11 24.92 -7.58
C LEU C 17 16.54 23.56 -7.04
N GLN C 18 16.25 23.30 -5.77
CA GLN C 18 16.57 22.03 -5.15
C GLN C 18 15.65 20.93 -5.66
N VAL C 19 14.37 21.28 -5.82
CA VAL C 19 13.35 20.33 -6.25
C VAL C 19 13.63 19.93 -7.70
N LEU C 20 13.97 20.93 -8.50
CA LEU C 20 14.35 20.73 -9.88
C LEU C 20 15.61 19.89 -9.99
N TYR C 21 16.60 20.18 -9.14
CA TYR C 21 17.83 19.39 -9.08
C TYR C 21 17.58 17.94 -8.66
N ARG C 22 16.76 17.75 -7.62
CA ARG C 22 16.34 16.42 -7.18
C ARG C 22 15.62 15.67 -8.29
N GLY C 23 14.77 16.37 -9.03
CA GLY C 23 14.04 15.81 -10.17
C GLY C 23 14.93 15.46 -11.34
N PHE C 24 16.02 16.22 -11.50
CA PHE C 24 17.00 15.99 -12.55
C PHE C 24 17.94 14.85 -12.18
N LYS C 25 18.47 14.89 -10.96
CA LYS C 25 19.45 13.91 -10.54
C LYS C 25 18.86 12.51 -10.50
N ASN C 26 17.56 12.41 -10.28
CA ASN C 26 16.89 11.12 -10.20
C ASN C 26 16.76 10.46 -11.55
N GLU C 27 16.77 11.27 -12.60
CA GLU C 27 16.71 10.78 -13.98
C GLU C 27 18.10 10.55 -14.56
N CYS C 28 19.11 11.22 -14.02
CA CYS C 28 20.52 10.97 -14.38
C CYS C 28 21.48 11.39 -13.27
N PRO C 29 21.86 10.43 -12.41
CA PRO C 29 22.73 10.72 -11.28
C PRO C 29 24.19 10.66 -11.70
N SER C 30 24.79 11.84 -11.91
CA SER C 30 26.16 11.98 -12.42
C SER C 30 26.34 11.36 -13.80
N GLY C 31 25.41 10.49 -14.20
CA GLY C 31 25.51 9.74 -15.44
C GLY C 31 25.33 10.60 -16.68
N VAL C 32 25.78 10.06 -17.81
CA VAL C 32 25.74 10.76 -19.10
C VAL C 32 24.30 11.22 -19.44
N VAL C 33 24.09 12.53 -19.32
CA VAL C 33 22.82 13.17 -19.67
C VAL C 33 22.78 13.37 -21.19
N ASN C 34 22.41 12.31 -21.91
CA ASN C 34 22.41 12.32 -23.37
C ASN C 34 21.01 12.15 -23.97
N GLU C 35 20.96 11.86 -25.27
CA GLU C 35 19.70 11.68 -25.98
C GLU C 35 18.92 10.48 -25.43
N ASP C 36 19.64 9.40 -25.13
CA ASP C 36 19.02 8.19 -24.60
C ASP C 36 18.34 8.46 -23.27
N THR C 37 18.96 9.30 -22.44
CA THR C 37 18.37 9.70 -21.16
C THR C 37 16.98 10.28 -21.38
N PHE C 38 16.87 11.23 -22.32
CA PHE C 38 15.59 11.81 -22.70
C PHE C 38 14.58 10.76 -23.18
N LYS C 39 15.05 9.84 -24.03
CA LYS C 39 14.20 8.78 -24.56
C LYS C 39 13.56 7.97 -23.43
N GLN C 40 14.34 7.68 -22.39
CA GLN C 40 13.90 6.90 -21.21
C GLN C 40 12.88 7.65 -20.36
N ILE C 41 13.08 8.96 -20.23
CA ILE C 41 12.20 9.81 -19.43
C ILE C 41 10.81 9.93 -20.06
N TYR C 42 10.77 10.30 -21.34
CA TYR C 42 9.49 10.55 -22.03
C TYR C 42 8.73 9.28 -22.40
N ALA C 43 9.42 8.14 -22.42
CA ALA C 43 8.77 6.84 -22.58
C ALA C 43 7.95 6.48 -21.35
N GLN C 44 8.34 7.03 -20.20
CA GLN C 44 7.63 6.80 -18.95
C GLN C 44 6.33 7.58 -18.89
N PHE C 45 6.36 8.80 -19.42
CA PHE C 45 5.16 9.64 -19.49
C PHE C 45 4.14 9.06 -20.48
N PHE C 46 4.61 8.61 -21.63
CA PHE C 46 3.73 8.12 -22.68
C PHE C 46 4.06 6.68 -23.09
N PRO C 47 3.35 5.69 -22.49
CA PRO C 47 3.47 4.31 -22.85
C PRO C 47 2.92 4.05 -24.25
N HIS C 48 3.34 2.90 -24.74
CA HIS C 48 2.95 2.37 -26.03
C HIS C 48 3.10 3.40 -27.11
N GLY C 49 4.28 4.02 -27.10
CA GLY C 49 4.58 5.02 -28.06
C GLY C 49 6.07 5.27 -27.92
N ASP C 50 6.70 5.40 -29.07
CA ASP C 50 8.18 5.56 -29.22
C ASP C 50 8.76 7.01 -29.20
N ALA C 51 9.52 7.32 -28.15
CA ALA C 51 10.03 8.67 -27.96
C ALA C 51 11.41 8.92 -28.57
N SER C 52 11.89 7.95 -29.36
CA SER C 52 13.23 8.02 -29.95
C SER C 52 13.47 9.32 -30.72
N THR C 53 12.59 9.60 -31.68
CA THR C 53 12.78 10.72 -32.62
C THR C 53 12.76 12.09 -31.94
N TYR C 54 11.76 12.31 -31.08
CA TYR C 54 11.62 13.55 -30.34
C TYR C 54 12.82 13.83 -29.42
N ALA C 55 13.27 12.79 -28.71
CA ALA C 55 14.48 12.85 -27.88
C ALA C 55 15.65 13.48 -28.64
N HIS C 56 15.78 13.13 -29.93
CA HIS C 56 16.85 13.67 -30.76
C HIS C 56 16.71 15.15 -31.00
N TYR C 57 15.52 15.58 -31.42
CA TYR C 57 15.27 17.00 -31.69
C TYR C 57 15.40 17.83 -30.42
N LEU C 58 14.95 17.26 -29.30
CA LEU C 58 15.03 17.92 -28.00
C LEU C 58 16.48 18.01 -27.50
N PHE C 59 17.28 17.01 -27.84
CA PHE C 59 18.71 17.02 -27.49
C PHE C 59 19.44 18.01 -28.39
N ASN C 60 19.01 18.09 -29.64
CA ASN C 60 19.55 19.04 -30.61
C ASN C 60 19.32 20.49 -30.19
N ALA C 61 18.22 20.73 -29.48
CA ALA C 61 17.87 22.07 -28.99
C ALA C 61 18.88 22.56 -27.96
N PHE C 62 19.50 21.64 -27.24
CA PHE C 62 20.49 21.99 -26.23
C PHE C 62 21.90 22.07 -26.80
N ASP C 63 22.88 21.80 -25.93
CA ASP C 63 24.31 21.80 -26.26
C ASP C 63 24.78 23.15 -26.79
N THR C 64 25.17 24.01 -25.83
CA THR C 64 25.70 25.34 -26.14
C THR C 64 27.18 25.42 -25.76
N THR C 65 27.58 24.60 -24.77
CA THR C 65 28.91 24.66 -24.17
C THR C 65 30.00 23.89 -24.97
N GLN C 66 30.38 22.71 -24.50
CA GLN C 66 31.49 21.94 -25.11
C GLN C 66 31.32 20.41 -25.07
N THR C 67 30.86 19.89 -23.95
CA THR C 67 30.81 18.44 -23.69
C THR C 67 29.76 17.65 -24.49
N GLY C 68 28.95 18.34 -25.29
CA GLY C 68 27.90 17.70 -26.08
C GLY C 68 26.69 17.37 -25.23
N SER C 69 26.89 16.51 -24.24
CA SER C 69 25.88 16.15 -23.26
C SER C 69 25.50 17.35 -22.40
N VAL C 70 24.19 17.54 -22.21
CA VAL C 70 23.64 18.73 -21.55
C VAL C 70 23.68 18.64 -20.01
N LYS C 71 24.34 19.62 -19.39
CA LYS C 71 24.47 19.67 -17.94
C LYS C 71 23.23 20.26 -17.29
N PHE C 72 23.18 20.23 -15.95
CA PHE C 72 22.02 20.76 -15.21
C PHE C 72 21.88 22.27 -15.37
N GLU C 73 23.01 22.98 -15.45
CA GLU C 73 23.03 24.42 -15.67
C GLU C 73 22.21 24.80 -16.90
N ASP C 74 22.49 24.12 -18.02
CA ASP C 74 21.75 24.32 -19.27
C ASP C 74 20.32 23.79 -19.19
N PHE C 75 20.10 22.80 -18.34
CA PHE C 75 18.77 22.20 -18.18
C PHE C 75 17.80 23.16 -17.48
N VAL C 76 18.26 23.84 -16.43
CA VAL C 76 17.41 24.67 -15.57
C VAL C 76 17.20 26.09 -16.12
N THR C 77 18.19 26.60 -16.86
CA THR C 77 18.07 27.92 -17.46
C THR C 77 17.09 27.91 -18.63
N ALA C 78 17.05 26.77 -19.32
CA ALA C 78 16.10 26.57 -20.40
C ALA C 78 14.69 26.42 -19.82
N LEU C 79 14.62 25.84 -18.63
CA LEU C 79 13.36 25.68 -17.91
C LEU C 79 12.91 26.98 -17.25
N SER C 80 13.87 27.84 -16.94
CA SER C 80 13.59 29.16 -16.40
C SER C 80 12.94 30.02 -17.48
N ILE C 81 13.40 29.84 -18.72
CA ILE C 81 12.81 30.53 -19.87
C ILE C 81 11.41 30.00 -20.17
N LEU C 82 11.25 28.68 -20.13
CA LEU C 82 9.99 28.06 -20.51
C LEU C 82 8.86 28.26 -19.50
N LEU C 83 9.22 28.46 -18.23
CA LEU C 83 8.21 28.59 -17.18
C LEU C 83 8.04 30.01 -16.64
N ARG C 84 9.12 30.80 -16.65
CA ARG C 84 9.06 32.15 -16.09
C ARG C 84 9.41 33.24 -17.10
N GLY C 85 10.28 32.92 -18.05
CA GLY C 85 10.77 33.88 -19.04
C GLY C 85 9.70 34.60 -19.84
N THR C 86 10.04 35.79 -20.33
CA THR C 86 9.14 36.62 -21.13
C THR C 86 8.59 35.87 -22.36
N VAL C 87 7.44 36.32 -22.85
CA VAL C 87 6.78 35.70 -24.00
C VAL C 87 7.72 35.54 -25.21
N HIS C 88 8.60 36.52 -25.42
CA HIS C 88 9.56 36.49 -26.52
C HIS C 88 10.76 35.57 -26.26
N GLU C 89 10.80 34.94 -25.08
CA GLU C 89 11.84 33.96 -24.77
C GLU C 89 11.26 32.55 -24.86
N LYS C 90 10.03 32.40 -24.35
CA LYS C 90 9.28 31.13 -24.43
C LYS C 90 9.06 30.71 -25.88
N LEU C 91 8.61 31.66 -26.70
CA LEU C 91 8.43 31.44 -28.13
C LEU C 91 9.77 31.27 -28.84
N ARG C 92 10.78 32.03 -28.41
CA ARG C 92 12.14 31.94 -28.95
C ARG C 92 12.71 30.54 -28.74
N TRP C 93 12.42 29.95 -27.59
CA TRP C 93 12.84 28.59 -27.30
C TRP C 93 12.08 27.61 -28.19
N THR C 94 10.77 27.80 -28.27
CA THR C 94 9.89 26.96 -29.10
C THR C 94 10.24 27.04 -30.59
N PHE C 95 10.57 28.24 -31.06
CA PHE C 95 11.01 28.44 -32.44
C PHE C 95 12.33 27.73 -32.69
N ASN C 96 13.28 27.88 -31.75
CA ASN C 96 14.57 27.22 -31.85
C ASN C 96 14.42 25.71 -31.91
N LEU C 97 13.43 25.17 -31.21
CA LEU C 97 13.14 23.74 -31.21
C LEU C 97 12.55 23.26 -32.53
N TYR C 98 11.61 24.02 -33.09
CA TYR C 98 10.99 23.68 -34.37
C TYR C 98 11.96 23.78 -35.56
N ASP C 99 12.98 24.62 -35.41
CA ASP C 99 14.02 24.77 -36.43
C ASP C 99 15.11 23.74 -36.21
N ILE C 100 15.06 22.66 -36.99
CA ILE C 100 15.95 21.51 -36.77
C ILE C 100 17.40 21.78 -37.21
N ASN C 101 17.57 22.13 -38.48
CA ASN C 101 18.89 22.35 -39.06
C ASN C 101 19.60 23.61 -38.55
N LYS C 102 18.95 24.30 -37.61
CA LYS C 102 19.48 25.52 -36.99
C LYS C 102 19.87 26.58 -38.02
N ASP C 103 18.96 26.84 -38.97
CA ASP C 103 19.17 27.81 -40.04
C ASP C 103 18.48 29.15 -39.77
N GLY C 104 17.40 29.10 -39.02
CA GLY C 104 16.65 30.30 -38.65
C GLY C 104 15.26 30.34 -39.26
N TYR C 105 14.88 29.24 -39.91
CA TYR C 105 13.61 29.16 -40.64
C TYR C 105 12.90 27.83 -40.38
N ILE C 106 11.57 27.85 -40.49
CA ILE C 106 10.76 26.65 -40.36
C ILE C 106 10.09 26.34 -41.68
N ASN C 107 10.31 25.12 -42.19
CA ASN C 107 9.71 24.70 -43.45
C ASN C 107 8.79 23.49 -43.30
N LYS C 108 8.05 23.18 -44.36
CA LYS C 108 7.01 22.15 -44.37
C LYS C 108 7.44 20.80 -43.81
N GLU C 109 8.56 20.27 -44.30
CA GLU C 109 9.07 18.98 -43.83
C GLU C 109 9.71 19.09 -42.45
N GLU C 110 10.30 20.25 -42.16
CA GLU C 110 10.92 20.53 -40.86
C GLU C 110 9.86 20.45 -39.78
N MET C 111 8.73 21.12 -40.02
CA MET C 111 7.59 21.09 -39.12
C MET C 111 6.93 19.71 -39.07
N MET C 112 6.94 19.02 -40.20
CA MET C 112 6.40 17.66 -40.33
C MET C 112 7.15 16.69 -39.43
N ASP C 113 8.47 16.90 -39.30
CA ASP C 113 9.32 16.06 -38.47
C ASP C 113 8.97 16.16 -36.98
N ILE C 114 8.63 17.38 -36.53
CA ILE C 114 8.24 17.60 -35.13
C ILE C 114 6.90 16.95 -34.82
N VAL C 115 5.90 17.23 -35.67
CA VAL C 115 4.58 16.63 -35.54
C VAL C 115 4.64 15.09 -35.49
N LYS C 116 5.44 14.51 -36.39
CA LYS C 116 5.66 13.08 -36.42
C LYS C 116 6.36 12.59 -35.15
N ALA C 117 7.27 13.41 -34.59
CA ALA C 117 8.05 13.03 -33.41
C ALA C 117 7.20 12.94 -32.13
N ILE C 118 6.19 13.80 -32.03
CA ILE C 118 5.31 13.82 -30.87
C ILE C 118 4.21 12.77 -31.02
N TYR C 119 3.55 12.74 -32.18
CA TYR C 119 2.57 11.70 -32.48
C TYR C 119 3.13 10.29 -32.32
N ASP C 120 4.43 10.13 -32.59
CA ASP C 120 5.09 8.86 -32.41
C ASP C 120 5.44 8.58 -30.95
N MET C 121 5.74 9.63 -30.18
CA MET C 121 6.10 9.44 -28.77
C MET C 121 4.89 9.19 -27.86
N MET C 122 3.71 9.63 -28.30
CA MET C 122 2.48 9.48 -27.51
C MET C 122 1.88 8.07 -27.60
N ASP C 133 -6.59 14.86 -34.93
CA ASP C 133 -7.33 13.88 -35.71
C ASP C 133 -6.87 13.84 -37.18
N THR C 134 -6.34 14.97 -37.66
CA THR C 134 -5.82 15.07 -39.03
C THR C 134 -4.57 14.19 -39.18
N PRO C 135 -4.50 13.40 -40.27
CA PRO C 135 -3.29 12.60 -40.54
C PRO C 135 -2.04 13.47 -40.73
N ARG C 136 -1.37 13.77 -39.61
CA ARG C 136 -0.16 14.62 -39.54
C ARG C 136 -0.11 15.87 -40.45
N GLN C 137 -1.25 16.22 -41.03
CA GLN C 137 -1.36 17.37 -41.92
C GLN C 137 -1.85 18.60 -41.15
N HIS C 138 -1.48 18.65 -39.87
CA HIS C 138 -1.71 19.85 -39.04
C HIS C 138 -0.69 20.92 -39.43
N VAL C 139 0.40 20.48 -40.06
CA VAL C 139 1.43 21.34 -40.63
C VAL C 139 0.82 22.29 -41.67
N ASP C 140 -0.06 21.74 -42.52
CA ASP C 140 -0.76 22.53 -43.53
C ASP C 140 -1.71 23.56 -42.90
N VAL C 141 -2.24 23.23 -41.73
CA VAL C 141 -3.09 24.15 -40.96
C VAL C 141 -2.20 25.16 -40.23
N PHE C 142 -1.02 24.69 -39.81
CA PHE C 142 -0.04 25.51 -39.09
C PHE C 142 0.49 26.64 -39.97
N PHE C 143 0.96 26.27 -41.16
CA PHE C 143 1.54 27.23 -42.10
C PHE C 143 0.52 28.19 -42.72
N GLN C 144 -0.73 27.73 -42.86
CA GLN C 144 -1.78 28.55 -43.45
C GLN C 144 -2.04 29.81 -42.63
N LYS C 145 -1.94 29.68 -41.30
CA LYS C 145 -2.11 30.83 -40.41
C LYS C 145 -0.94 30.94 -39.41
N MET C 146 0.27 31.02 -39.98
CA MET C 146 1.46 31.40 -39.23
C MET C 146 2.43 32.12 -40.18
N ASP C 147 2.29 31.85 -41.48
CA ASP C 147 3.11 32.46 -42.53
C ASP C 147 2.44 33.74 -43.06
N LYS C 148 3.15 34.85 -42.93
CA LYS C 148 2.69 36.14 -43.46
C LYS C 148 3.00 36.27 -44.96
N ASN C 149 4.16 35.78 -45.37
CA ASN C 149 4.59 35.80 -46.77
C ASN C 149 3.84 34.78 -47.62
N LYS C 150 3.40 33.69 -46.97
CA LYS C 150 2.76 32.55 -47.63
C LYS C 150 3.69 31.89 -48.66
N ASP C 151 4.98 31.88 -48.34
CA ASP C 151 6.00 31.28 -49.20
C ASP C 151 6.39 29.86 -48.76
N GLY C 152 5.98 29.49 -47.55
CA GLY C 152 6.32 28.17 -46.98
C GLY C 152 7.45 28.26 -45.96
N ILE C 153 7.80 29.49 -45.58
CA ILE C 153 8.84 29.75 -44.60
C ILE C 153 8.31 30.66 -43.50
N VAL C 154 8.50 30.24 -42.25
CA VAL C 154 8.11 31.03 -41.09
C VAL C 154 9.36 31.44 -40.32
N THR C 155 9.62 32.74 -40.25
CA THR C 155 10.78 33.26 -39.55
C THR C 155 10.46 33.47 -38.07
N LEU C 156 11.47 33.85 -37.29
CA LEU C 156 11.31 34.11 -35.86
C LEU C 156 10.31 35.24 -35.61
N ASP C 157 10.51 36.38 -36.28
CA ASP C 157 9.60 37.54 -36.18
C ASP C 157 8.19 37.21 -36.66
N GLU C 158 8.11 36.32 -37.65
CA GLU C 158 6.85 35.87 -38.23
C GLU C 158 6.11 35.03 -37.21
N PHE C 159 6.84 34.20 -36.50
CA PHE C 159 6.28 33.32 -35.48
C PHE C 159 5.83 34.13 -34.27
N LEU C 160 6.65 35.07 -33.83
CA LEU C 160 6.36 35.87 -32.62
C LEU C 160 5.05 36.62 -32.73
N GLU C 161 4.86 37.33 -33.85
CA GLU C 161 3.69 38.17 -34.05
C GLU C 161 2.42 37.37 -34.35
N SER C 162 2.61 36.18 -34.93
CA SER C 162 1.50 35.32 -35.33
C SER C 162 0.89 34.57 -34.15
N CYS C 163 1.64 34.53 -33.04
CA CYS C 163 1.15 33.94 -31.80
C CYS C 163 0.42 34.96 -30.93
N GLN C 164 0.78 36.23 -31.09
CA GLN C 164 0.11 37.33 -30.37
C GLN C 164 -1.34 37.51 -30.82
N GLU C 165 -1.58 37.41 -32.13
CA GLU C 165 -2.93 37.55 -32.70
C GLU C 165 -3.90 36.46 -32.21
N ASP C 166 -3.37 35.24 -32.03
CA ASP C 166 -4.13 34.17 -31.39
C ASP C 166 -4.03 34.34 -29.89
N ASP C 167 -5.06 34.95 -29.31
CA ASP C 167 -5.13 35.19 -27.86
C ASP C 167 -5.16 33.87 -27.06
N ASN C 168 -5.58 32.80 -27.73
CA ASN C 168 -5.70 31.47 -27.10
C ASN C 168 -4.34 30.86 -26.75
N ILE C 169 -3.31 31.20 -27.52
CA ILE C 169 -1.94 30.74 -27.24
C ILE C 169 -1.35 31.53 -26.07
N MET C 170 -1.44 32.85 -26.16
CA MET C 170 -0.97 33.76 -25.10
C MET C 170 -1.57 33.44 -23.73
N ARG C 171 -2.84 33.02 -23.74
CA ARG C 171 -3.56 32.66 -22.54
C ARG C 171 -2.98 31.38 -21.92
N SER C 172 -2.58 30.44 -22.78
CA SER C 172 -2.03 29.16 -22.33
C SER C 172 -0.53 29.28 -22.02
N LEU C 173 0.16 30.12 -22.78
CA LEU C 173 1.61 30.25 -22.67
C LEU C 173 2.03 31.11 -21.48
N GLN C 174 1.09 31.91 -20.97
CA GLN C 174 1.34 32.73 -19.78
C GLN C 174 0.52 32.24 -18.59
N LEU C 175 0.27 30.94 -18.53
CA LEU C 175 -0.54 30.35 -17.46
C LEU C 175 0.15 30.35 -16.10
N PHE C 176 1.48 30.40 -16.11
CA PHE C 176 2.30 30.36 -14.89
C PHE C 176 2.23 28.98 -14.21
N GLN C 177 3.22 28.14 -14.51
CA GLN C 177 3.35 26.85 -13.85
C GLN C 177 4.16 27.03 -12.58
N ASN C 178 3.68 26.46 -11.48
CA ASN C 178 4.47 26.43 -10.26
C ASN C 178 5.09 25.07 -10.08
N VAL C 179 6.38 25.05 -9.76
CA VAL C 179 7.12 23.80 -9.56
C VAL C 179 6.90 23.28 -8.13
N MET C 180 7.88 22.55 -7.60
CA MET C 180 7.82 21.99 -6.24
C MET C 180 6.64 21.01 -6.05
N ALA D 1 7.35 17.38 -13.25
CA ALA D 1 6.90 18.55 -14.02
C ALA D 1 8.09 19.47 -14.30
N ALA D 2 9.25 18.84 -14.54
CA ALA D 2 10.46 19.55 -14.91
C ALA D 2 10.84 19.15 -16.32
N TRP D 3 10.28 18.02 -16.77
CA TRP D 3 10.58 17.50 -18.09
C TRP D 3 9.41 17.71 -19.02
N LEU D 4 8.22 17.81 -18.44
CA LEU D 4 7.00 18.07 -19.21
C LEU D 4 6.94 19.42 -19.96
N PRO D 5 7.47 20.50 -19.34
CA PRO D 5 7.44 21.78 -20.05
C PRO D 5 8.19 21.74 -21.38
N PHE D 6 9.09 20.76 -21.51
CA PHE D 6 9.82 20.57 -22.77
C PHE D 6 8.95 19.93 -23.85
N ALA D 7 8.20 18.89 -23.46
CA ALA D 7 7.18 18.31 -24.34
C ALA D 7 6.11 19.35 -24.67
N ARG D 8 5.72 20.13 -23.65
CA ARG D 8 4.76 21.21 -23.84
C ARG D 8 5.23 22.25 -24.84
N ALA D 9 6.52 22.56 -24.84
CA ALA D 9 7.09 23.56 -25.74
C ALA D 9 7.02 23.14 -27.22
N ALA D 10 6.95 21.84 -27.45
CA ALA D 10 6.94 21.25 -28.80
C ALA D 10 5.54 21.22 -29.40
N ALA D 11 4.54 21.55 -28.59
CA ALA D 11 3.14 21.51 -29.03
C ALA D 11 2.55 22.90 -29.18
N ILE D 12 3.26 23.91 -28.70
CA ILE D 12 2.83 25.30 -28.79
C ILE D 12 2.78 25.77 -30.25
N GLY D 13 1.58 26.10 -30.72
CA GLY D 13 1.39 26.66 -32.05
C GLY D 13 0.52 25.84 -32.98
N TRP D 14 0.26 24.59 -32.59
CA TRP D 14 -0.47 23.67 -33.47
C TRP D 14 -1.38 22.65 -32.75
N MET D 15 -1.47 22.73 -31.42
CA MET D 15 -2.31 21.79 -30.65
C MET D 15 -2.84 22.44 -29.39
N PRO D 16 -4.04 22.92 -29.44
CA PRO D 16 -4.63 23.41 -28.22
C PRO D 16 -4.40 22.33 -27.10
N VAL D 17 -5.50 21.50 -26.82
CA VAL D 17 -5.53 20.31 -25.85
C VAL D 17 -5.82 19.05 -26.71
N ALA D 18 -6.87 19.08 -27.52
CA ALA D 18 -7.11 18.00 -28.48
C ALA D 18 -7.59 16.66 -27.94
N ASN D 19 -6.92 15.59 -28.37
CA ASN D 19 -7.29 14.21 -28.07
C ASN D 19 -7.06 13.80 -26.61
N CYS D 20 -6.10 12.89 -26.38
CA CYS D 20 -5.82 12.37 -25.04
C CYS D 20 -4.33 12.43 -24.63
N PRO D 21 -3.70 13.61 -24.70
CA PRO D 21 -2.33 13.69 -24.20
C PRO D 21 -2.30 14.09 -22.72
N MET D 22 -1.10 14.24 -22.16
CA MET D 22 -0.95 14.65 -20.77
C MET D 22 0.23 15.62 -20.49
N PRO D 23 0.54 16.51 -21.43
CA PRO D 23 1.55 17.44 -21.12
C PRO D 23 1.06 18.87 -20.77
N LEU D 24 -0.11 19.33 -21.28
CA LEU D 24 -0.26 20.84 -21.37
C LEU D 24 -0.28 21.76 -20.12
N ALA D 25 -1.23 21.60 -19.18
CA ALA D 25 -1.28 22.38 -17.95
C ALA D 25 -1.46 21.38 -16.80
N PRO D 26 -0.80 21.61 -15.67
CA PRO D 26 -0.98 20.79 -14.48
C PRO D 26 -2.28 21.17 -13.87
N ALA D 27 -3.20 20.48 -14.44
CA ALA D 27 -4.60 20.56 -14.05
C ALA D 27 -4.84 20.02 -12.65
N ASP D 28 -5.91 20.50 -12.02
CA ASP D 28 -6.27 20.16 -10.63
C ASP D 28 -5.30 20.81 -9.62
N LYS D 29 -4.21 21.40 -10.14
CA LYS D 29 -3.12 21.95 -9.33
C LYS D 29 -2.67 20.95 -8.27
N ASN D 30 -2.23 19.77 -8.74
CA ASN D 30 -1.75 18.70 -7.87
C ASN D 30 -0.50 19.10 -7.10
N LYS D 31 -0.03 20.31 -7.36
CA LYS D 31 1.12 20.89 -6.65
C LYS D 31 0.73 21.25 -5.18
N ARG D 32 0.58 20.15 -4.39
CA ARG D 32 0.37 20.08 -2.96
C ARG D 32 1.79 19.79 -2.53
N GLN D 33 2.68 20.54 -3.14
CA GLN D 33 4.13 20.47 -2.93
C GLN D 33 4.68 19.05 -2.70
N ASP D 34 5.43 18.84 -1.62
CA ASP D 34 5.99 17.53 -1.33
C ASP D 34 6.27 17.49 0.16
N GLU D 35 5.71 16.49 0.84
CA GLU D 35 6.01 16.41 2.27
C GLU D 35 6.75 15.12 2.59
N LEU D 36 7.66 15.19 3.55
CA LEU D 36 8.37 14.02 4.03
C LEU D 36 7.44 13.19 4.87
N ILE D 37 7.10 12.01 4.37
CA ILE D 37 6.30 11.06 5.14
C ILE D 37 7.19 10.25 6.10
N VAL D 38 6.80 10.24 7.38
CA VAL D 38 7.52 9.47 8.38
C VAL D 38 6.92 8.09 8.51
N LEU D 39 7.70 7.08 8.14
CA LEU D 39 7.21 5.70 8.17
C LEU D 39 7.91 4.99 9.32
N ASN D 40 7.18 4.83 10.42
CA ASN D 40 7.71 4.20 11.62
C ASN D 40 7.55 2.68 11.56
N VAL D 41 8.64 1.98 11.26
CA VAL D 41 8.63 0.52 11.23
C VAL D 41 9.45 -0.05 12.39
N SER D 42 8.76 -0.70 13.33
CA SER D 42 9.38 -1.37 14.49
C SER D 42 10.18 -0.43 15.39
N GLY D 43 9.93 0.88 15.26
CA GLY D 43 10.66 1.87 16.05
C GLY D 43 11.57 2.75 15.21
N ARG D 44 12.11 2.18 14.14
CA ARG D 44 12.99 2.92 13.23
C ARG D 44 12.17 3.87 12.35
N ARG D 45 12.54 5.14 12.38
CA ARG D 45 11.84 6.18 11.64
C ARG D 45 12.43 6.31 10.25
N PHE D 46 11.77 5.67 9.27
CA PHE D 46 12.12 5.83 7.88
C PHE D 46 11.46 7.09 7.34
N GLN D 47 12.22 7.89 6.62
CA GLN D 47 11.71 9.16 6.09
C GLN D 47 11.79 9.15 4.57
N THR D 48 10.65 9.32 3.92
CA THR D 48 10.60 9.39 2.45
C THR D 48 9.64 10.47 1.94
N TRP D 49 9.83 10.88 0.68
CA TRP D 49 8.95 11.88 0.07
C TRP D 49 7.64 11.23 -0.31
N ARG D 50 6.56 12.00 -0.14
CA ARG D 50 5.22 11.50 -0.40
C ARG D 50 5.11 10.99 -1.85
N THR D 51 5.77 11.69 -2.76
CA THR D 51 5.82 11.35 -4.18
C THR D 51 6.44 9.96 -4.44
N THR D 52 7.41 9.59 -3.61
CA THR D 52 8.11 8.30 -3.74
C THR D 52 7.16 7.13 -3.50
N LEU D 53 6.27 7.25 -2.52
CA LEU D 53 5.29 6.20 -2.24
C LEU D 53 4.18 6.18 -3.29
N GLU D 54 4.05 7.28 -4.03
CA GLU D 54 3.04 7.42 -5.09
C GLU D 54 3.45 6.67 -6.36
N ARG D 55 4.76 6.46 -6.53
CA ARG D 55 5.33 5.77 -7.68
C ARG D 55 4.60 4.49 -8.07
N TYR D 56 4.24 3.67 -7.09
CA TYR D 56 3.55 2.41 -7.34
C TYR D 56 2.23 2.37 -6.59
N PRO D 57 1.17 2.93 -7.18
CA PRO D 57 -0.11 3.10 -6.49
C PRO D 57 -0.82 1.78 -6.15
N ASP D 58 -0.48 0.70 -6.84
CA ASP D 58 -1.15 -0.58 -6.66
C ASP D 58 -0.48 -1.46 -5.59
N THR D 59 -0.07 -0.81 -4.49
CA THR D 59 0.52 -1.49 -3.34
C THR D 59 -0.04 -0.89 -2.04
N LEU D 60 0.33 -1.48 -0.91
CA LEU D 60 -0.10 -0.98 0.40
C LEU D 60 0.37 0.47 0.61
N LEU D 61 1.67 0.71 0.47
CA LEU D 61 2.22 2.06 0.64
C LEU D 61 1.83 2.99 -0.51
N GLY D 62 1.46 2.39 -1.64
CA GLY D 62 1.02 3.13 -2.82
C GLY D 62 -0.40 3.61 -2.69
N SER D 63 -1.32 2.70 -2.39
CA SER D 63 -2.74 3.02 -2.27
C SER D 63 -3.05 3.63 -0.91
N THR D 64 -4.31 3.97 -0.71
CA THR D 64 -4.78 4.53 0.56
C THR D 64 -4.91 3.45 1.62
N GLU D 65 -4.19 2.34 1.42
CA GLU D 65 -4.21 1.22 2.35
C GLU D 65 -3.36 1.56 3.55
N LYS D 66 -2.31 2.34 3.33
CA LYS D 66 -1.40 2.73 4.41
C LYS D 66 -2.11 3.56 5.49
N GLU D 67 -3.24 4.16 5.14
CA GLU D 67 -4.00 4.99 6.05
C GLU D 67 -4.59 4.18 7.23
N PHE D 68 -4.65 2.86 7.07
CA PHE D 68 -5.09 1.97 8.14
C PHE D 68 -4.01 1.80 9.19
N PHE D 69 -2.79 2.23 8.83
CA PHE D 69 -1.63 2.14 9.71
C PHE D 69 -1.14 3.51 10.18
N PHE D 70 -1.85 4.57 9.78
CA PHE D 70 -1.49 5.91 10.18
C PHE D 70 -2.00 6.24 11.58
N ASN D 71 -1.08 6.52 12.49
CA ASN D 71 -1.45 7.02 13.81
C ASN D 71 -1.60 8.53 13.75
N GLU D 72 -2.80 9.02 14.02
CA GLU D 72 -3.11 10.44 13.91
C GLU D 72 -2.43 11.28 14.99
N ASP D 73 -2.17 10.65 16.14
CA ASP D 73 -1.57 11.30 17.30
C ASP D 73 -0.09 11.61 17.10
N THR D 74 0.67 10.60 16.66
CA THR D 74 2.09 10.79 16.41
C THR D 74 2.33 11.32 15.01
N LYS D 75 1.24 11.51 14.27
CA LYS D 75 1.25 12.01 12.89
C LYS D 75 2.25 11.26 12.03
N GLU D 76 2.22 9.93 12.14
CA GLU D 76 3.10 9.06 11.36
C GLU D 76 2.47 7.70 11.13
N TYR D 77 2.94 6.98 10.12
CA TYR D 77 2.48 5.63 9.80
C TYR D 77 3.29 4.64 10.60
N PHE D 78 2.64 3.75 11.34
CA PHE D 78 3.34 2.74 12.10
C PHE D 78 3.10 1.36 11.53
N PHE D 79 4.18 0.59 11.39
CA PHE D 79 4.10 -0.81 10.97
C PHE D 79 4.82 -1.70 11.97
N ASP D 80 4.08 -2.66 12.55
CA ASP D 80 4.65 -3.62 13.49
C ASP D 80 5.30 -4.78 12.72
N ARG D 81 6.21 -4.42 11.82
CA ARG D 81 6.89 -5.37 10.95
C ARG D 81 8.42 -5.26 11.10
N ASP D 82 9.16 -6.02 10.28
CA ASP D 82 10.61 -6.01 10.30
C ASP D 82 11.15 -4.73 9.71
N PRO D 83 12.06 -4.06 10.43
CA PRO D 83 12.62 -2.80 9.90
C PRO D 83 13.62 -3.04 8.78
N GLU D 84 14.28 -4.19 8.79
CA GLU D 84 15.36 -4.48 7.83
C GLU D 84 14.85 -4.76 6.42
N VAL D 85 13.81 -5.57 6.29
CA VAL D 85 13.26 -5.90 4.98
C VAL D 85 12.55 -4.68 4.40
N PHE D 86 12.06 -3.81 5.27
CA PHE D 86 11.32 -2.62 4.86
C PHE D 86 12.21 -1.67 4.10
N ARG D 87 13.49 -1.67 4.47
CA ARG D 87 14.49 -0.86 3.78
C ARG D 87 14.59 -1.23 2.31
N CYS D 88 14.43 -2.52 2.01
CA CYS D 88 14.41 -2.99 0.63
C CYS D 88 13.14 -2.58 -0.07
N VAL D 89 12.04 -2.64 0.67
CA VAL D 89 10.73 -2.30 0.15
C VAL D 89 10.70 -0.81 -0.13
N LEU D 90 11.27 -0.01 0.76
CA LEU D 90 11.31 1.43 0.57
C LEU D 90 12.24 1.81 -0.58
N ASN D 91 13.38 1.13 -0.70
CA ASN D 91 14.31 1.34 -1.80
C ASN D 91 13.75 0.97 -3.17
N PHE D 92 12.70 0.15 -3.17
CA PHE D 92 12.02 -0.24 -4.40
C PHE D 92 11.28 0.95 -5.00
N TYR D 93 10.69 1.76 -4.13
CA TYR D 93 9.99 2.95 -4.54
C TYR D 93 10.96 4.01 -5.01
N ARG D 94 12.20 3.91 -4.54
CA ARG D 94 13.22 4.89 -4.85
C ARG D 94 13.96 4.55 -6.14
N THR D 95 14.58 3.38 -6.19
CA THR D 95 15.42 3.01 -7.33
C THR D 95 14.60 2.56 -8.52
N GLY D 96 13.50 1.85 -8.23
CA GLY D 96 12.66 1.29 -9.28
C GLY D 96 12.80 -0.21 -9.40
N LYS D 97 13.88 -0.73 -8.82
CA LYS D 97 14.13 -2.17 -8.84
C LYS D 97 14.08 -2.74 -7.44
N LEU D 98 13.43 -3.90 -7.31
CA LEU D 98 13.32 -4.59 -6.03
C LEU D 98 14.53 -5.49 -5.76
N HIS D 99 15.23 -5.19 -4.68
CA HIS D 99 16.48 -5.88 -4.37
C HIS D 99 16.29 -6.92 -3.28
N TYR D 100 16.93 -8.07 -3.47
CA TYR D 100 16.95 -9.09 -2.43
C TYR D 100 18.28 -9.05 -1.67
N PRO D 101 18.21 -8.83 -0.34
CA PRO D 101 19.42 -8.90 0.50
C PRO D 101 19.92 -10.33 0.68
N ARG D 102 21.21 -10.54 0.40
CA ARG D 102 21.84 -11.86 0.37
C ARG D 102 21.81 -12.58 1.73
N TYR D 103 21.68 -11.79 2.80
CA TYR D 103 21.73 -12.30 4.17
C TYR D 103 20.37 -12.70 4.76
N GLU D 104 19.29 -12.08 4.28
CA GLU D 104 17.94 -12.34 4.79
C GLU D 104 17.39 -13.69 4.32
N CYS D 105 16.47 -14.24 5.10
CA CYS D 105 15.81 -15.49 4.75
C CYS D 105 14.75 -15.27 3.69
N ILE D 106 14.66 -16.21 2.75
CA ILE D 106 13.70 -16.13 1.65
C ILE D 106 12.27 -16.07 2.11
N SER D 107 11.91 -16.90 3.09
CA SER D 107 10.54 -16.95 3.58
C SER D 107 10.21 -15.66 4.32
N ALA D 108 11.17 -15.18 5.11
CA ALA D 108 11.03 -13.92 5.82
C ALA D 108 10.88 -12.77 4.84
N TYR D 109 11.64 -12.82 3.75
CA TYR D 109 11.59 -11.81 2.71
C TYR D 109 10.29 -11.86 1.91
N ASP D 110 9.83 -13.08 1.61
CA ASP D 110 8.60 -13.28 0.85
C ASP D 110 7.39 -12.82 1.62
N ASP D 111 7.39 -13.07 2.93
CA ASP D 111 6.29 -12.70 3.80
C ASP D 111 6.10 -11.19 3.88
N GLU D 112 7.22 -10.47 3.93
CA GLU D 112 7.18 -9.00 3.99
C GLU D 112 6.75 -8.39 2.69
N LEU D 113 7.14 -8.99 1.57
CA LEU D 113 6.72 -8.53 0.24
C LEU D 113 5.22 -8.73 0.05
N ALA D 114 4.69 -9.81 0.60
CA ALA D 114 3.27 -10.12 0.51
C ALA D 114 2.46 -9.15 1.36
N PHE D 115 3.06 -8.68 2.45
CA PHE D 115 2.42 -7.71 3.34
C PHE D 115 2.27 -6.35 2.67
N TYR D 116 3.32 -5.89 2.00
CA TYR D 116 3.29 -4.58 1.37
C TYR D 116 2.72 -4.64 -0.04
N GLY D 117 2.27 -5.84 -0.44
CA GLY D 117 1.59 -6.04 -1.72
C GLY D 117 2.48 -5.95 -2.94
N ILE D 118 3.74 -6.35 -2.79
CA ILE D 118 4.71 -6.36 -3.88
C ILE D 118 4.99 -7.79 -4.31
N LEU D 119 4.80 -8.07 -5.59
CA LEU D 119 5.03 -9.40 -6.15
C LEU D 119 6.53 -9.68 -6.40
N PRO D 120 6.98 -10.91 -6.11
CA PRO D 120 8.39 -11.25 -6.31
C PRO D 120 8.81 -11.29 -7.78
N GLU D 121 7.86 -11.17 -8.71
CA GLU D 121 8.15 -11.14 -10.14
C GLU D 121 8.85 -9.85 -10.54
N ILE D 122 8.82 -8.87 -9.64
CA ILE D 122 9.38 -7.54 -9.90
C ILE D 122 10.88 -7.49 -9.59
N ILE D 123 11.39 -8.49 -8.86
CA ILE D 123 12.80 -8.53 -8.46
C ILE D 123 13.70 -8.38 -9.67
N GLY D 124 14.53 -7.34 -9.66
CA GLY D 124 15.44 -7.03 -10.76
C GLY D 124 16.37 -8.17 -11.14
N ASP D 125 16.91 -8.11 -12.35
CA ASP D 125 17.84 -9.11 -12.86
C ASP D 125 19.16 -9.10 -12.09
N CYS D 126 19.39 -8.01 -11.36
CA CYS D 126 20.61 -7.82 -10.59
C CYS D 126 20.75 -8.83 -9.46
N CYS D 127 19.61 -9.35 -8.99
CA CYS D 127 19.60 -10.36 -7.93
C CYS D 127 18.38 -11.28 -8.06
N TYR D 128 17.89 -11.44 -9.29
CA TYR D 128 16.91 -12.48 -9.59
C TYR D 128 17.58 -13.84 -9.49
N GLU D 129 18.83 -13.92 -9.93
CA GLU D 129 19.67 -15.11 -9.79
C GLU D 129 19.80 -15.54 -8.32
N GLU D 130 20.13 -14.58 -7.44
CA GLU D 130 20.33 -14.85 -6.02
C GLU D 130 19.02 -15.25 -5.33
N TYR D 131 17.91 -14.68 -5.78
CA TYR D 131 16.60 -14.96 -5.19
C TYR D 131 16.13 -16.38 -5.52
N LYS D 132 16.20 -16.74 -6.80
CA LYS D 132 15.73 -18.04 -7.27
C LYS D 132 16.50 -19.17 -6.60
N ASP D 133 17.83 -19.04 -6.53
CA ASP D 133 18.71 -20.08 -5.98
C ASP D 133 18.51 -20.31 -4.48
N ARG D 134 18.28 -19.25 -3.73
CA ARG D 134 18.07 -19.33 -2.29
C ARG D 134 16.65 -19.75 -1.94
N LYS D 135 15.74 -19.65 -2.91
CA LYS D 135 14.40 -20.22 -2.78
C LYS D 135 14.39 -21.68 -3.25
N ARG D 136 15.55 -22.32 -3.10
CA ARG D 136 15.82 -23.72 -3.49
C ARG D 136 15.84 -23.94 -5.01
#